data_4J4M
#
_entry.id   4J4M
#
_cell.length_a   80.766
_cell.length_b   80.766
_cell.length_c   120.451
_cell.angle_alpha   90.00
_cell.angle_beta   90.00
_cell.angle_gamma   120.00
#
_symmetry.space_group_name_H-M   'P 61'
#
loop_
_entity.id
_entity.type
_entity.pdbx_description
1 polymer 'zinc-dependent metalloproteinase'
2 non-polymer 'ZINC ION'
3 water water
#
_entity_poly.entity_id   1
_entity_poly.type   'polypeptide(L)'
_entity_poly.pdbx_seq_one_letter_code
;QQRFPQRYVMLAIVADHGMVTKYSGNSSAITTRVHQMVSHVTEMYSPLNIATTLSLLRIWSSKDLITVQSDSSVTLGSFG
DWRKVVLLSQQAHDCAFLNTATALDDSTIGLAYSNGMCDPKFSVGLVQDHSSNVFMVAVTMTHELGHNLGMAHDEAGGCA
CSSCIMSPAASSGPSKLFSDCSKDDYQTFLTNTNPQCILNAP
;
_entity_poly.pdbx_strand_id   A,B
#
loop_
_chem_comp.id
_chem_comp.type
_chem_comp.name
_chem_comp.formula
ZN non-polymer 'ZINC ION' 'Zn 2'
#
# COMPACT_ATOMS: atom_id res chain seq x y z
N ARG A 3 -27.70 -2.91 11.31
CA ARG A 3 -28.18 -4.31 11.10
C ARG A 3 -27.03 -5.30 11.28
N PHE A 4 -25.83 -4.91 10.84
CA PHE A 4 -24.67 -5.79 10.94
C PHE A 4 -23.56 -5.22 11.81
N PRO A 5 -22.70 -6.10 12.35
CA PRO A 5 -21.58 -5.66 13.19
C PRO A 5 -20.52 -5.03 12.31
N GLN A 6 -19.69 -4.18 12.90
CA GLN A 6 -18.64 -3.51 12.17
C GLN A 6 -17.69 -4.52 11.50
N ARG A 7 -17.43 -4.30 10.22
CA ARG A 7 -16.52 -5.15 9.46
C ARG A 7 -15.66 -4.28 8.56
N TYR A 8 -14.53 -4.83 8.14
CA TYR A 8 -13.60 -4.10 7.27
C TYR A 8 -13.07 -4.95 6.14
N VAL A 9 -12.94 -4.34 4.96
CA VAL A 9 -12.38 -5.05 3.83
C VAL A 9 -11.19 -4.23 3.37
N MET A 10 -10.01 -4.75 3.67
CA MET A 10 -8.74 -4.12 3.32
C MET A 10 -8.40 -4.70 1.96
N LEU A 11 -8.85 -3.99 0.93
CA LEU A 11 -8.73 -4.39 -0.48
C LEU A 11 -7.43 -4.05 -1.21
N ALA A 12 -6.98 -5.01 -2.02
CA ALA A 12 -5.81 -4.81 -2.86
C ALA A 12 -6.32 -4.87 -4.29
N ILE A 13 -5.79 -4.00 -5.15
CA ILE A 13 -6.19 -4.03 -6.55
C ILE A 13 -4.94 -4.14 -7.39
N VAL A 14 -5.00 -4.95 -8.44
CA VAL A 14 -3.89 -5.12 -9.35
C VAL A 14 -4.41 -4.76 -10.74
N ALA A 15 -3.78 -3.80 -11.39
CA ALA A 15 -4.18 -3.41 -12.74
C ALA A 15 -3.21 -4.14 -13.68
N ASP A 16 -3.72 -4.94 -14.60
CA ASP A 16 -2.83 -5.70 -15.47
C ASP A 16 -2.19 -4.88 -16.58
N HIS A 17 -1.28 -5.52 -17.30
CA HIS A 17 -0.59 -4.85 -18.37
C HIS A 17 -1.55 -4.33 -19.43
N GLY A 18 -2.64 -5.05 -19.67
CA GLY A 18 -3.63 -4.61 -20.65
C GLY A 18 -4.16 -3.24 -20.28
N MET A 19 -4.33 -3.01 -18.97
CA MET A 19 -4.82 -1.73 -18.49
C MET A 19 -3.82 -0.63 -18.83
N VAL A 20 -2.54 -0.90 -18.59
CA VAL A 20 -1.49 0.08 -18.87
C VAL A 20 -1.51 0.46 -20.36
N THR A 21 -1.67 -0.54 -21.22
CA THR A 21 -1.74 -0.32 -22.66
C THR A 21 -2.99 0.50 -23.01
N LYS A 22 -4.12 0.10 -22.44
CA LYS A 22 -5.38 0.80 -22.71
C LYS A 22 -5.34 2.28 -22.37
N TYR A 23 -4.70 2.60 -21.25
CA TYR A 23 -4.61 4.00 -20.82
C TYR A 23 -3.30 4.66 -21.24
N SER A 24 -2.74 4.17 -22.34
CA SER A 24 -1.51 4.70 -22.93
C SER A 24 -0.29 4.86 -22.02
N GLY A 25 -0.01 3.86 -21.19
CA GLY A 25 1.14 3.91 -20.29
C GLY A 25 1.05 4.92 -19.16
N ASN A 26 -0.11 5.53 -18.97
CA ASN A 26 -0.26 6.54 -17.92
C ASN A 26 -0.65 5.96 -16.56
N SER A 27 0.33 5.53 -15.77
CA SER A 27 0.04 4.96 -14.47
C SER A 27 -0.68 5.95 -13.55
N SER A 28 -0.41 7.23 -13.72
CA SER A 28 -1.06 8.24 -12.90
C SER A 28 -2.57 8.24 -13.18
N ALA A 29 -2.94 8.09 -14.45
CA ALA A 29 -4.35 8.09 -14.84
C ALA A 29 -5.02 6.83 -14.29
N ILE A 30 -4.31 5.70 -14.37
CA ILE A 30 -4.85 4.44 -13.86
C ILE A 30 -5.09 4.56 -12.36
N THR A 31 -4.14 5.18 -11.65
CA THR A 31 -4.26 5.34 -10.20
C THR A 31 -5.49 6.18 -9.87
N THR A 32 -5.68 7.27 -10.62
CA THR A 32 -6.84 8.14 -10.40
C THR A 32 -8.14 7.39 -10.67
N ARG A 33 -8.10 6.52 -11.68
CA ARG A 33 -9.27 5.73 -12.05
C ARG A 33 -9.66 4.76 -10.94
N VAL A 34 -8.67 4.04 -10.41
CA VAL A 34 -8.92 3.07 -9.35
C VAL A 34 -9.42 3.76 -8.08
N HIS A 35 -8.86 4.92 -7.77
CA HIS A 35 -9.28 5.65 -6.58
C HIS A 35 -10.77 5.98 -6.67
N GLN A 36 -11.21 6.49 -7.81
CA GLN A 36 -12.63 6.79 -7.98
C GLN A 36 -13.44 5.51 -7.86
N MET A 37 -12.97 4.45 -8.49
CA MET A 37 -13.67 3.17 -8.44
C MET A 37 -13.87 2.75 -6.98
N VAL A 38 -12.80 2.81 -6.20
CA VAL A 38 -12.87 2.44 -4.79
C VAL A 38 -13.80 3.33 -3.98
N SER A 39 -13.82 4.61 -4.30
CA SER A 39 -14.71 5.52 -3.60
C SER A 39 -16.16 5.06 -3.81
N HIS A 40 -16.47 4.65 -5.03
CA HIS A 40 -17.82 4.16 -5.32
C HIS A 40 -18.10 2.85 -4.57
N VAL A 41 -17.15 1.93 -4.61
CA VAL A 41 -17.29 0.65 -3.91
C VAL A 41 -17.51 0.91 -2.43
N THR A 42 -16.70 1.79 -1.87
CA THR A 42 -16.78 2.11 -0.45
C THR A 42 -18.15 2.65 -0.07
N GLU A 43 -18.71 3.49 -0.92
CA GLU A 43 -20.02 4.07 -0.66
C GLU A 43 -21.09 2.99 -0.69
N MET A 44 -20.97 2.06 -1.63
CA MET A 44 -21.95 1.00 -1.74
C MET A 44 -21.93 -0.01 -0.59
N TYR A 45 -20.80 -0.12 0.10
CA TYR A 45 -20.74 -1.08 1.21
C TYR A 45 -21.07 -0.49 2.59
N SER A 46 -21.15 0.83 2.69
CA SER A 46 -21.47 1.46 3.98
C SER A 46 -22.72 0.89 4.65
N PRO A 47 -23.82 0.71 3.89
CA PRO A 47 -25.07 0.18 4.42
C PRO A 47 -24.98 -1.22 5.08
N LEU A 48 -23.91 -1.95 4.81
CA LEU A 48 -23.75 -3.28 5.40
C LEU A 48 -22.78 -3.19 6.57
N ASN A 49 -22.39 -1.96 6.90
CA ASN A 49 -21.45 -1.68 7.98
C ASN A 49 -20.07 -2.27 7.70
N ILE A 50 -19.71 -2.29 6.41
CA ILE A 50 -18.41 -2.76 5.98
C ILE A 50 -17.63 -1.57 5.49
N ALA A 51 -16.48 -1.29 6.11
CA ALA A 51 -15.66 -0.17 5.70
C ALA A 51 -14.59 -0.69 4.75
N THR A 52 -14.66 -0.31 3.49
CA THR A 52 -13.68 -0.76 2.52
C THR A 52 -12.58 0.27 2.31
N THR A 53 -11.33 -0.17 2.27
CA THR A 53 -10.21 0.72 2.02
C THR A 53 -9.28 0.06 0.99
N LEU A 54 -8.53 0.88 0.27
CA LEU A 54 -7.58 0.36 -0.71
C LEU A 54 -6.22 0.29 -0.06
N SER A 55 -5.87 -0.90 0.43
CA SER A 55 -4.60 -1.10 1.10
C SER A 55 -3.42 -0.95 0.15
N LEU A 56 -3.62 -1.32 -1.11
CA LEU A 56 -2.54 -1.20 -2.07
C LEU A 56 -3.02 -1.34 -3.49
N LEU A 57 -2.27 -0.74 -4.41
CA LEU A 57 -2.56 -0.82 -5.82
C LEU A 57 -1.27 -1.23 -6.52
N ARG A 58 -1.35 -2.30 -7.32
CA ARG A 58 -0.20 -2.77 -8.08
C ARG A 58 -0.51 -2.54 -9.54
N ILE A 59 0.48 -2.06 -10.30
CA ILE A 59 0.27 -1.84 -11.72
C ILE A 59 1.35 -2.66 -12.42
N TRP A 60 0.92 -3.58 -13.28
CA TRP A 60 1.89 -4.42 -13.99
C TRP A 60 2.36 -3.72 -15.26
N SER A 61 3.17 -2.69 -15.07
CA SER A 61 3.70 -1.88 -16.16
C SER A 61 4.75 -2.55 -17.04
N SER A 62 5.44 -3.56 -16.52
CA SER A 62 6.46 -4.25 -17.32
C SER A 62 5.77 -5.38 -18.08
N LYS A 63 5.43 -6.44 -17.37
CA LYS A 63 4.72 -7.57 -17.94
C LYS A 63 3.79 -8.09 -16.84
N ASP A 64 2.76 -8.84 -17.24
CA ASP A 64 1.84 -9.41 -16.25
C ASP A 64 2.68 -10.42 -15.45
N LEU A 65 2.40 -10.57 -14.17
CA LEU A 65 3.15 -11.52 -13.34
C LEU A 65 2.53 -12.92 -13.37
N ILE A 66 1.40 -13.03 -14.06
CA ILE A 66 0.72 -14.31 -14.28
C ILE A 66 0.25 -14.19 -15.72
N THR A 67 -0.23 -15.28 -16.29
CA THR A 67 -0.74 -15.20 -17.65
C THR A 67 -2.18 -14.76 -17.55
N VAL A 68 -2.48 -13.59 -18.10
CA VAL A 68 -3.84 -13.09 -18.07
C VAL A 68 -4.46 -13.50 -19.39
N GLN A 69 -5.48 -14.35 -19.32
CA GLN A 69 -6.13 -14.82 -20.54
C GLN A 69 -7.64 -14.60 -20.52
N SER A 70 -8.24 -14.64 -21.72
CA SER A 70 -9.68 -14.41 -21.90
C SER A 70 -10.58 -15.30 -21.08
N ASP A 71 -10.10 -16.46 -20.63
CA ASP A 71 -10.97 -17.28 -19.79
C ASP A 71 -10.80 -16.79 -18.36
N SER A 72 -11.86 -16.22 -17.79
CA SER A 72 -11.79 -15.70 -16.44
C SER A 72 -11.48 -16.77 -15.39
N SER A 73 -12.10 -17.94 -15.51
CA SER A 73 -11.86 -19.00 -14.54
C SER A 73 -10.38 -19.37 -14.38
N VAL A 74 -9.68 -19.59 -15.48
CA VAL A 74 -8.27 -19.93 -15.43
C VAL A 74 -7.44 -18.78 -14.87
N THR A 75 -7.72 -17.58 -15.35
CA THR A 75 -7.00 -16.39 -14.90
C THR A 75 -7.19 -16.15 -13.40
N LEU A 76 -8.43 -16.28 -12.92
CA LEU A 76 -8.74 -16.07 -11.50
C LEU A 76 -7.95 -17.07 -10.64
N GLY A 77 -7.86 -18.31 -11.11
CA GLY A 77 -7.14 -19.33 -10.38
C GLY A 77 -5.66 -19.00 -10.29
N SER A 78 -5.07 -18.59 -11.40
CA SER A 78 -3.65 -18.22 -11.41
C SER A 78 -3.44 -16.99 -10.52
N PHE A 79 -4.38 -16.06 -10.57
CA PHE A 79 -4.29 -14.84 -9.77
C PHE A 79 -4.35 -15.20 -8.27
N GLY A 80 -5.24 -16.11 -7.91
CA GLY A 80 -5.36 -16.52 -6.52
C GLY A 80 -4.07 -17.18 -6.02
N ASP A 81 -3.42 -17.96 -6.88
CA ASP A 81 -2.17 -18.62 -6.50
C ASP A 81 -1.09 -17.54 -6.30
N TRP A 82 -1.08 -16.56 -7.18
CA TRP A 82 -0.11 -15.47 -7.10
C TRP A 82 -0.37 -14.60 -5.87
N ARG A 83 -1.64 -14.37 -5.58
CA ARG A 83 -2.00 -13.57 -4.42
C ARG A 83 -1.51 -14.25 -3.14
N LYS A 84 -1.76 -15.55 -3.04
CA LYS A 84 -1.36 -16.31 -1.86
C LYS A 84 0.15 -16.45 -1.69
N VAL A 85 0.85 -16.72 -2.79
CA VAL A 85 2.29 -16.93 -2.72
C VAL A 85 3.18 -15.69 -2.82
N VAL A 86 2.66 -14.63 -3.43
CA VAL A 86 3.46 -13.41 -3.59
C VAL A 86 2.91 -12.15 -2.94
N LEU A 87 1.72 -11.73 -3.36
CA LEU A 87 1.13 -10.49 -2.85
C LEU A 87 0.95 -10.46 -1.33
N LEU A 88 0.46 -11.55 -0.74
CA LEU A 88 0.29 -11.60 0.70
C LEU A 88 1.60 -11.45 1.45
N SER A 89 2.70 -11.89 0.82
CA SER A 89 4.01 -11.78 1.44
C SER A 89 4.47 -10.33 1.49
N GLN A 90 3.95 -9.51 0.59
CA GLN A 90 4.34 -8.11 0.52
C GLN A 90 3.60 -7.23 1.51
N GLN A 91 2.32 -7.50 1.70
CA GLN A 91 1.53 -6.73 2.63
C GLN A 91 0.20 -7.41 2.91
N ALA A 92 -0.17 -7.42 4.19
CA ALA A 92 -1.42 -8.02 4.61
C ALA A 92 -2.61 -7.27 3.99
N HIS A 93 -3.61 -8.02 3.55
CA HIS A 93 -4.83 -7.46 2.98
C HIS A 93 -5.85 -8.58 3.01
N ASP A 94 -7.13 -8.22 2.94
CA ASP A 94 -8.20 -9.20 3.02
C ASP A 94 -8.63 -9.82 1.71
N CYS A 95 -8.48 -9.09 0.61
CA CYS A 95 -8.96 -9.56 -0.68
C CYS A 95 -8.27 -8.80 -1.80
N ALA A 96 -8.02 -9.47 -2.91
CA ALA A 96 -7.37 -8.80 -4.03
C ALA A 96 -8.17 -8.99 -5.31
N PHE A 97 -8.35 -7.92 -6.05
CA PHE A 97 -9.08 -8.00 -7.32
C PHE A 97 -8.18 -7.61 -8.47
N LEU A 98 -8.26 -8.38 -9.55
CA LEU A 98 -7.47 -8.10 -10.73
C LEU A 98 -8.36 -7.29 -11.67
N ASN A 99 -7.92 -6.09 -12.00
CA ASN A 99 -8.65 -5.18 -12.89
C ASN A 99 -8.01 -5.41 -14.27
N THR A 100 -8.76 -6.00 -15.19
CA THR A 100 -8.22 -6.33 -16.50
C THR A 100 -8.91 -5.64 -17.67
N ALA A 101 -8.13 -5.26 -18.69
CA ALA A 101 -8.68 -4.60 -19.87
C ALA A 101 -9.20 -5.62 -20.87
N THR A 102 -8.60 -6.81 -20.83
CA THR A 102 -8.91 -7.95 -21.70
C THR A 102 -10.37 -8.40 -21.75
N ALA A 103 -11.00 -8.42 -22.92
CA ALA A 103 -12.39 -8.89 -22.95
C ALA A 103 -12.40 -10.38 -22.61
N LEU A 104 -13.37 -10.81 -21.80
CA LEU A 104 -13.47 -12.21 -21.41
C LEU A 104 -14.07 -13.04 -22.55
N ASP A 105 -13.69 -14.31 -22.66
CA ASP A 105 -14.18 -15.15 -23.75
C ASP A 105 -15.66 -15.48 -23.80
N ASP A 106 -16.36 -15.37 -22.67
CA ASP A 106 -17.79 -15.65 -22.68
C ASP A 106 -18.56 -14.34 -22.53
N SER A 107 -17.87 -13.24 -22.82
CA SER A 107 -18.42 -11.90 -22.75
C SER A 107 -19.01 -11.50 -21.39
N THR A 108 -18.47 -12.07 -20.33
CA THR A 108 -18.91 -11.72 -18.98
C THR A 108 -17.98 -10.56 -18.60
N ILE A 109 -18.21 -9.94 -17.45
CA ILE A 109 -17.36 -8.82 -17.07
C ILE A 109 -16.72 -8.95 -15.70
N GLY A 110 -16.86 -10.11 -15.08
CA GLY A 110 -16.26 -10.32 -13.78
C GLY A 110 -16.38 -11.75 -13.26
N LEU A 111 -15.64 -12.07 -12.22
CA LEU A 111 -15.68 -13.39 -11.62
C LEU A 111 -15.08 -13.33 -10.21
N ALA A 112 -15.57 -14.18 -9.32
CA ALA A 112 -15.07 -14.21 -7.95
C ALA A 112 -15.40 -15.55 -7.31
N TYR A 113 -14.72 -15.87 -6.22
CA TYR A 113 -14.98 -17.13 -5.51
C TYR A 113 -16.03 -16.89 -4.44
N SER A 114 -17.15 -17.59 -4.53
CA SER A 114 -18.20 -17.43 -3.55
C SER A 114 -17.67 -17.82 -2.17
N ASN A 115 -17.94 -16.99 -1.17
CA ASN A 115 -17.52 -17.22 0.21
C ASN A 115 -16.01 -17.23 0.40
N GLY A 116 -15.27 -16.68 -0.57
CA GLY A 116 -13.83 -16.69 -0.48
C GLY A 116 -13.14 -15.66 0.39
N MET A 117 -13.88 -14.66 0.87
CA MET A 117 -13.29 -13.60 1.68
C MET A 117 -12.37 -14.12 2.78
N CYS A 118 -11.16 -13.57 2.80
CA CYS A 118 -10.09 -13.90 3.75
C CYS A 118 -9.27 -15.14 3.41
N ASP A 119 -9.80 -16.04 2.60
CA ASP A 119 -9.02 -17.22 2.28
C ASP A 119 -7.77 -16.82 1.51
N PRO A 120 -6.61 -17.34 1.92
CA PRO A 120 -5.34 -17.02 1.25
C PRO A 120 -5.39 -17.12 -0.26
N LYS A 121 -6.02 -18.17 -0.78
CA LYS A 121 -6.10 -18.36 -2.22
C LYS A 121 -7.40 -17.89 -2.84
N PHE A 122 -8.52 -18.16 -2.19
CA PHE A 122 -9.83 -17.81 -2.74
C PHE A 122 -10.39 -16.41 -2.50
N SER A 123 -9.65 -15.57 -1.79
CA SER A 123 -10.13 -14.22 -1.54
C SER A 123 -9.66 -13.32 -2.67
N VAL A 124 -10.15 -13.62 -3.87
CA VAL A 124 -9.79 -12.83 -5.04
C VAL A 124 -10.99 -12.69 -5.95
N GLY A 125 -10.90 -11.68 -6.81
CA GLY A 125 -11.96 -11.42 -7.75
C GLY A 125 -11.31 -10.92 -9.03
N LEU A 126 -12.10 -10.87 -10.10
CA LEU A 126 -11.62 -10.43 -11.41
C LEU A 126 -12.67 -9.44 -11.92
N VAL A 127 -12.21 -8.29 -12.39
CA VAL A 127 -13.14 -7.29 -12.91
C VAL A 127 -12.62 -6.76 -14.24
N GLN A 128 -13.45 -6.84 -15.28
CA GLN A 128 -13.06 -6.35 -16.59
C GLN A 128 -13.44 -4.87 -16.64
N ASP A 129 -12.53 -4.04 -17.13
CA ASP A 129 -12.74 -2.59 -17.24
C ASP A 129 -13.67 -2.39 -18.44
N HIS A 130 -14.93 -2.79 -18.27
CA HIS A 130 -15.93 -2.78 -19.33
C HIS A 130 -16.59 -1.49 -19.78
N SER A 131 -16.34 -0.39 -19.10
CA SER A 131 -16.98 0.87 -19.47
C SER A 131 -16.13 2.08 -19.10
N SER A 132 -16.35 3.18 -19.81
CA SER A 132 -15.61 4.42 -19.54
C SER A 132 -16.29 5.05 -18.32
N ASN A 133 -17.46 4.53 -17.98
CA ASN A 133 -18.18 5.02 -16.81
C ASN A 133 -17.61 4.23 -15.63
N VAL A 134 -16.77 4.89 -14.85
CA VAL A 134 -16.13 4.24 -13.70
C VAL A 134 -17.11 3.71 -12.66
N PHE A 135 -18.22 4.41 -12.48
CA PHE A 135 -19.21 3.94 -11.52
C PHE A 135 -19.68 2.56 -11.97
N MET A 136 -19.93 2.41 -13.26
CA MET A 136 -20.40 1.14 -13.80
C MET A 136 -19.41 0.02 -13.53
N VAL A 137 -18.12 0.31 -13.66
CA VAL A 137 -17.12 -0.71 -13.39
C VAL A 137 -17.05 -0.98 -11.88
N ALA A 138 -17.26 0.07 -11.08
CA ALA A 138 -17.23 -0.07 -9.62
C ALA A 138 -18.37 -0.96 -9.15
N VAL A 139 -19.51 -0.88 -9.84
CA VAL A 139 -20.66 -1.70 -9.48
C VAL A 139 -20.29 -3.18 -9.69
N THR A 140 -19.54 -3.45 -10.76
CA THR A 140 -19.12 -4.82 -11.04
C THR A 140 -18.16 -5.30 -9.94
N MET A 141 -17.22 -4.44 -9.57
CA MET A 141 -16.28 -4.82 -8.51
C MET A 141 -17.03 -5.06 -7.20
N THR A 142 -18.03 -4.23 -6.94
CA THR A 142 -18.84 -4.34 -5.74
C THR A 142 -19.62 -5.67 -5.77
N HIS A 143 -20.10 -6.02 -6.95
CA HIS A 143 -20.84 -7.25 -7.20
C HIS A 143 -19.96 -8.47 -6.93
N GLU A 144 -18.74 -8.44 -7.45
CA GLU A 144 -17.81 -9.57 -7.25
C GLU A 144 -17.37 -9.65 -5.79
N LEU A 145 -17.23 -8.51 -5.12
CA LEU A 145 -16.88 -8.55 -3.71
C LEU A 145 -18.07 -9.20 -2.99
N GLY A 146 -19.27 -8.96 -3.53
CA GLY A 146 -20.49 -9.52 -2.96
C GLY A 146 -20.42 -11.04 -2.92
N HIS A 147 -19.96 -11.64 -4.01
CA HIS A 147 -19.82 -13.09 -4.09
C HIS A 147 -18.79 -13.53 -3.05
N ASN A 148 -17.68 -12.79 -2.98
CA ASN A 148 -16.62 -13.10 -2.01
C ASN A 148 -17.23 -13.16 -0.62
N LEU A 149 -18.20 -12.28 -0.37
CA LEU A 149 -18.87 -12.16 0.92
C LEU A 149 -20.12 -13.05 1.05
N GLY A 150 -20.19 -14.10 0.23
CA GLY A 150 -21.31 -15.03 0.31
C GLY A 150 -22.64 -14.72 -0.34
N MET A 151 -22.72 -13.62 -1.09
CA MET A 151 -23.97 -13.25 -1.73
C MET A 151 -24.21 -13.98 -3.05
N ALA A 152 -25.47 -14.31 -3.32
CA ALA A 152 -25.86 -14.98 -4.55
C ALA A 152 -26.60 -13.95 -5.39
N HIS A 153 -26.96 -14.32 -6.62
CA HIS A 153 -27.67 -13.41 -7.52
C HIS A 153 -29.11 -13.14 -7.12
N ASP A 154 -29.61 -11.98 -7.52
CA ASP A 154 -30.99 -11.62 -7.24
C ASP A 154 -31.84 -12.23 -8.34
N GLU A 155 -32.23 -13.49 -8.12
CA GLU A 155 -33.04 -14.22 -9.08
C GLU A 155 -34.20 -14.88 -8.33
N CYS A 161 -34.80 -8.41 -7.70
CA CYS A 161 -34.43 -6.99 -7.98
C CYS A 161 -33.47 -6.91 -9.18
N SER A 162 -33.94 -6.27 -10.24
CA SER A 162 -33.17 -6.14 -11.47
C SER A 162 -32.14 -5.00 -11.52
N SER A 163 -32.23 -4.07 -10.57
CA SER A 163 -31.29 -2.96 -10.55
C SER A 163 -30.36 -3.00 -9.34
N CYS A 164 -30.53 -3.99 -8.47
CA CYS A 164 -29.68 -4.11 -7.30
C CYS A 164 -28.29 -4.61 -7.69
N ILE A 165 -27.32 -4.32 -6.85
CA ILE A 165 -25.93 -4.70 -7.09
C ILE A 165 -25.74 -6.15 -7.52
N MET A 166 -26.37 -7.08 -6.81
CA MET A 166 -26.22 -8.50 -7.12
C MET A 166 -27.12 -9.03 -8.23
N SER A 167 -27.58 -8.13 -9.08
CA SER A 167 -28.41 -8.54 -10.21
C SER A 167 -27.52 -9.36 -11.13
N PRO A 168 -28.06 -10.43 -11.73
CA PRO A 168 -27.24 -11.25 -12.62
C PRO A 168 -26.74 -10.52 -13.87
N ALA A 169 -27.52 -9.58 -14.37
CA ALA A 169 -27.12 -8.82 -15.56
C ALA A 169 -26.89 -7.36 -15.22
N ALA A 170 -25.90 -6.75 -15.88
CA ALA A 170 -25.54 -5.35 -15.65
C ALA A 170 -26.58 -4.37 -16.20
N SER A 171 -27.41 -3.84 -15.31
CA SER A 171 -28.45 -2.88 -15.70
C SER A 171 -27.90 -1.69 -16.45
N SER A 172 -28.79 -0.94 -17.10
CA SER A 172 -28.39 0.25 -17.84
C SER A 172 -28.35 1.42 -16.84
N GLY A 173 -29.11 1.27 -15.75
CA GLY A 173 -29.16 2.29 -14.73
C GLY A 173 -29.02 1.62 -13.37
N PRO A 174 -27.88 0.97 -13.10
CA PRO A 174 -27.66 0.28 -11.83
C PRO A 174 -27.76 1.18 -10.60
N SER A 175 -28.34 0.64 -9.52
CA SER A 175 -28.48 1.39 -8.29
C SER A 175 -27.32 1.01 -7.36
N LYS A 176 -27.22 1.71 -6.23
CA LYS A 176 -26.17 1.45 -5.26
C LYS A 176 -26.69 0.62 -4.10
N LEU A 177 -27.77 -0.12 -4.33
CA LEU A 177 -28.35 -0.89 -3.25
C LEU A 177 -28.23 -2.40 -3.35
N PHE A 178 -28.09 -3.03 -2.19
CA PHE A 178 -28.03 -4.47 -2.08
C PHE A 178 -29.46 -4.90 -1.80
N SER A 179 -29.88 -6.02 -2.38
CA SER A 179 -31.23 -6.52 -2.17
C SER A 179 -31.36 -7.08 -0.77
N ASP A 180 -32.58 -7.32 -0.34
CA ASP A 180 -32.80 -7.89 0.98
C ASP A 180 -32.30 -9.32 1.00
N CYS A 181 -32.37 -9.98 -0.16
CA CYS A 181 -31.89 -11.34 -0.26
C CYS A 181 -30.37 -11.30 -0.08
N SER A 182 -29.74 -10.32 -0.71
CA SER A 182 -28.29 -10.15 -0.61
C SER A 182 -27.88 -9.94 0.83
N LYS A 183 -28.64 -9.13 1.56
CA LYS A 183 -28.33 -8.87 2.95
C LYS A 183 -28.47 -10.13 3.79
N ASP A 184 -29.45 -10.97 3.45
CA ASP A 184 -29.66 -12.21 4.17
C ASP A 184 -28.51 -13.17 3.92
N ASP A 185 -28.02 -13.19 2.68
CA ASP A 185 -26.91 -14.07 2.34
C ASP A 185 -25.67 -13.63 3.11
N TYR A 186 -25.49 -12.32 3.22
CA TYR A 186 -24.35 -11.78 3.96
C TYR A 186 -24.49 -12.16 5.43
N GLN A 187 -25.72 -12.13 5.94
CA GLN A 187 -25.94 -12.48 7.33
C GLN A 187 -25.53 -13.94 7.52
N THR A 188 -26.02 -14.80 6.62
CA THR A 188 -25.68 -16.22 6.69
C THR A 188 -24.16 -16.38 6.68
N PHE A 189 -23.50 -15.60 5.84
CA PHE A 189 -22.04 -15.65 5.73
C PHE A 189 -21.37 -15.32 7.06
N LEU A 190 -21.81 -14.25 7.70
CA LEU A 190 -21.26 -13.84 8.99
C LEU A 190 -21.53 -14.90 10.05
N THR A 191 -22.68 -15.54 9.97
CA THR A 191 -23.05 -16.57 10.94
C THR A 191 -22.37 -17.92 10.70
N ASN A 192 -22.43 -18.42 9.46
CA ASN A 192 -21.82 -19.71 9.15
C ASN A 192 -20.32 -19.67 8.91
N THR A 193 -19.81 -18.57 8.37
CA THR A 193 -18.39 -18.45 8.08
C THR A 193 -17.66 -17.55 9.06
N ASN A 194 -18.13 -16.31 9.18
CA ASN A 194 -17.53 -15.34 10.07
C ASN A 194 -16.00 -15.32 9.93
N PRO A 195 -15.50 -14.94 8.74
CA PRO A 195 -14.04 -14.88 8.50
C PRO A 195 -13.37 -13.89 9.44
N GLN A 196 -12.22 -14.30 9.97
CA GLN A 196 -11.46 -13.47 10.92
C GLN A 196 -10.82 -12.19 10.39
N CYS A 197 -10.24 -12.24 9.20
CA CYS A 197 -9.57 -11.05 8.68
C CYS A 197 -10.40 -9.77 8.60
N ILE A 198 -11.69 -9.88 8.26
CA ILE A 198 -12.51 -8.67 8.14
C ILE A 198 -12.98 -8.06 9.46
N LEU A 199 -12.48 -8.60 10.58
CA LEU A 199 -12.82 -8.08 11.90
C LEU A 199 -11.81 -7.00 12.24
N ASN A 200 -10.65 -7.07 11.58
CA ASN A 200 -9.55 -6.15 11.82
C ASN A 200 -9.63 -4.84 11.08
N ALA A 201 -9.62 -3.74 11.84
CA ALA A 201 -9.66 -2.42 11.23
C ALA A 201 -8.26 -2.16 10.70
N PRO A 202 -8.14 -1.29 9.69
CA PRO A 202 -6.80 -1.00 9.15
C PRO A 202 -5.92 -0.43 10.26
N ARG B 3 24.11 -3.03 -11.60
CA ARG B 3 23.20 -4.19 -11.37
C ARG B 3 21.73 -3.75 -11.37
N PHE B 4 21.47 -2.58 -10.80
CA PHE B 4 20.10 -2.09 -10.72
C PHE B 4 19.76 -0.95 -11.67
N PRO B 5 18.51 -0.92 -12.15
CA PRO B 5 18.06 0.14 -13.06
C PRO B 5 17.91 1.43 -12.26
N GLN B 6 17.97 2.56 -12.94
CA GLN B 6 17.86 3.85 -12.28
C GLN B 6 16.49 4.08 -11.65
N ARG B 7 16.51 4.46 -10.38
CA ARG B 7 15.29 4.73 -9.64
C ARG B 7 15.49 6.01 -8.86
N TYR B 8 14.40 6.63 -8.43
CA TYR B 8 14.48 7.86 -7.66
C TYR B 8 13.53 7.80 -6.49
N VAL B 9 13.96 8.37 -5.37
CA VAL B 9 13.10 8.45 -4.19
C VAL B 9 13.08 9.93 -3.84
N MET B 10 11.95 10.57 -4.13
CA MET B 10 11.77 11.99 -3.87
C MET B 10 11.14 12.04 -2.49
N LEU B 11 12.03 12.21 -1.52
CA LEU B 11 11.69 12.19 -0.11
C LEU B 11 11.24 13.46 0.59
N ALA B 12 10.24 13.32 1.45
CA ALA B 12 9.80 14.44 2.24
C ALA B 12 10.18 14.08 3.66
N ILE B 13 10.64 15.07 4.42
CA ILE B 13 10.98 14.84 5.80
C ILE B 13 10.22 15.89 6.60
N VAL B 14 9.64 15.45 7.72
CA VAL B 14 8.90 16.33 8.60
C VAL B 14 9.57 16.23 9.98
N ALA B 15 10.06 17.35 10.49
CA ALA B 15 10.68 17.37 11.83
C ALA B 15 9.58 17.85 12.77
N ASP B 16 9.22 17.05 13.76
CA ASP B 16 8.12 17.44 14.65
C ASP B 16 8.47 18.51 15.65
N HIS B 17 7.47 18.94 16.42
CA HIS B 17 7.68 20.00 17.40
C HIS B 17 8.70 19.61 18.44
N GLY B 18 8.71 18.33 18.80
CA GLY B 18 9.67 17.82 19.76
C GLY B 18 11.10 18.05 19.29
N MET B 19 11.32 17.96 17.99
CA MET B 19 12.65 18.18 17.45
C MET B 19 13.01 19.66 17.62
N VAL B 20 12.06 20.54 17.33
CA VAL B 20 12.27 21.97 17.45
C VAL B 20 12.65 22.31 18.89
N THR B 21 11.94 21.73 19.85
CA THR B 21 12.24 21.98 21.25
C THR B 21 13.61 21.43 21.63
N LYS B 22 13.92 20.22 21.16
CA LYS B 22 15.20 19.59 21.46
C LYS B 22 16.37 20.45 20.99
N TYR B 23 16.23 21.07 19.82
CA TYR B 23 17.28 21.91 19.29
C TYR B 23 17.06 23.39 19.58
N SER B 24 16.56 23.63 20.80
CA SER B 24 16.31 24.97 21.33
C SER B 24 15.57 25.94 20.43
N GLY B 25 14.57 25.43 19.71
CA GLY B 25 13.77 26.28 18.84
C GLY B 25 14.49 26.80 17.61
N ASN B 26 15.66 26.24 17.30
CA ASN B 26 16.45 26.69 16.16
C ASN B 26 16.18 25.89 14.88
N SER B 27 15.30 26.40 14.02
CA SER B 27 14.98 25.73 12.76
C SER B 27 16.15 25.69 11.79
N SER B 28 17.06 26.65 11.91
CA SER B 28 18.22 26.69 11.03
C SER B 28 19.11 25.48 11.34
N ALA B 29 19.22 25.18 12.62
CA ALA B 29 20.03 24.05 13.09
C ALA B 29 19.44 22.74 12.57
N ILE B 30 18.11 22.65 12.60
CA ILE B 30 17.41 21.45 12.14
C ILE B 30 17.59 21.27 10.63
N THR B 31 17.44 22.34 9.87
CA THR B 31 17.60 22.27 8.43
C THR B 31 19.00 21.74 8.10
N THR B 32 19.99 22.24 8.82
CA THR B 32 21.38 21.84 8.62
C THR B 32 21.58 20.36 8.97
N ARG B 33 20.96 19.92 10.05
CA ARG B 33 21.05 18.54 10.49
C ARG B 33 20.42 17.62 9.44
N VAL B 34 19.25 18.01 8.94
CA VAL B 34 18.55 17.21 7.92
C VAL B 34 19.36 17.17 6.63
N HIS B 35 20.01 18.27 6.30
CA HIS B 35 20.82 18.33 5.09
C HIS B 35 21.92 17.27 5.17
N GLN B 36 22.59 17.20 6.32
CA GLN B 36 23.65 16.20 6.50
C GLN B 36 23.07 14.80 6.48
N MET B 37 21.92 14.62 7.14
CA MET B 37 21.28 13.32 7.19
C MET B 37 20.99 12.83 5.79
N VAL B 38 20.43 13.71 4.96
CA VAL B 38 20.11 13.33 3.59
C VAL B 38 21.37 13.02 2.78
N SER B 39 22.45 13.75 3.03
CA SER B 39 23.70 13.49 2.31
C SER B 39 24.14 12.06 2.61
N HIS B 40 24.02 11.64 3.87
CA HIS B 40 24.40 10.27 4.25
C HIS B 40 23.47 9.24 3.62
N VAL B 41 22.16 9.48 3.69
CA VAL B 41 21.20 8.57 3.10
C VAL B 41 21.50 8.39 1.61
N THR B 42 21.72 9.50 0.93
CA THR B 42 22.01 9.46 -0.50
C THR B 42 23.24 8.61 -0.83
N GLU B 43 24.30 8.80 -0.04
CA GLU B 43 25.51 8.02 -0.26
C GLU B 43 25.22 6.54 -0.12
N MET B 44 24.48 6.17 0.91
CA MET B 44 24.18 4.75 1.11
C MET B 44 23.30 4.13 0.04
N TYR B 45 22.46 4.93 -0.63
CA TYR B 45 21.60 4.37 -1.67
C TYR B 45 22.21 4.35 -3.07
N SER B 46 23.33 5.04 -3.27
CA SER B 46 23.97 5.06 -4.58
C SER B 46 24.26 3.67 -5.14
N PRO B 47 24.82 2.76 -4.32
CA PRO B 47 25.12 1.41 -4.80
C PRO B 47 23.91 0.64 -5.36
N LEU B 48 22.70 1.06 -5.00
CA LEU B 48 21.51 0.39 -5.49
C LEU B 48 20.91 1.17 -6.66
N ASN B 49 21.65 2.17 -7.13
CA ASN B 49 21.24 3.02 -8.24
C ASN B 49 19.91 3.71 -7.97
N ILE B 50 19.70 4.07 -6.70
CA ILE B 50 18.51 4.80 -6.27
C ILE B 50 19.02 6.19 -5.95
N ALA B 51 18.45 7.20 -6.58
CA ALA B 51 18.85 8.58 -6.33
C ALA B 51 17.86 9.23 -5.38
N THR B 52 18.28 9.41 -4.13
CA THR B 52 17.42 10.04 -3.13
C THR B 52 17.63 11.54 -3.10
N THR B 53 16.53 12.28 -3.13
CA THR B 53 16.60 13.74 -3.07
C THR B 53 15.54 14.21 -2.09
N LEU B 54 15.79 15.37 -1.47
CA LEU B 54 14.85 15.93 -0.52
C LEU B 54 13.86 16.83 -1.26
N SER B 55 12.64 16.35 -1.43
CA SER B 55 11.61 17.11 -2.12
C SER B 55 11.17 18.29 -1.27
N LEU B 56 11.08 18.07 0.04
CA LEU B 56 10.65 19.12 0.95
C LEU B 56 10.97 18.78 2.38
N LEU B 57 11.12 19.82 3.20
CA LEU B 57 11.36 19.66 4.61
C LEU B 57 10.32 20.52 5.33
N ARG B 58 9.55 19.90 6.21
CA ARG B 58 8.58 20.64 6.99
C ARG B 58 9.08 20.61 8.43
N ILE B 59 9.01 21.75 9.11
CA ILE B 59 9.41 21.83 10.49
C ILE B 59 8.20 22.35 11.23
N TRP B 60 7.67 21.53 12.15
CA TRP B 60 6.49 21.92 12.91
C TRP B 60 6.86 22.75 14.12
N SER B 61 7.37 23.94 13.84
CA SER B 61 7.80 24.87 14.88
C SER B 61 6.63 25.54 15.60
N SER B 62 5.46 25.58 14.95
CA SER B 62 4.29 26.18 15.59
C SER B 62 3.70 25.12 16.51
N LYS B 63 3.32 23.98 15.93
CA LYS B 63 2.74 22.88 16.68
C LYS B 63 2.66 21.62 15.80
N ASP B 64 2.60 20.45 16.44
CA ASP B 64 2.48 19.19 15.71
C ASP B 64 1.12 19.21 14.99
N LEU B 65 1.06 18.69 13.76
CA LEU B 65 -0.20 18.67 13.02
C LEU B 65 -0.94 17.34 13.19
N ILE B 66 -0.34 16.45 13.97
CA ILE B 66 -0.93 15.15 14.33
C ILE B 66 -0.44 14.94 15.75
N THR B 67 -1.03 13.97 16.45
CA THR B 67 -0.58 13.70 17.80
C THR B 67 0.61 12.76 17.67
N VAL B 68 1.78 13.22 18.11
CA VAL B 68 2.96 12.39 18.07
C VAL B 68 3.05 11.75 19.44
N GLN B 69 2.88 10.43 19.49
CA GLN B 69 2.92 9.73 20.76
C GLN B 69 3.97 8.62 20.81
N SER B 70 4.27 8.18 22.03
CA SER B 70 5.28 7.15 22.26
C SER B 70 5.09 5.85 21.50
N ASP B 71 3.86 5.51 21.14
CA ASP B 71 3.67 4.28 20.40
C ASP B 71 3.89 4.58 18.93
N SER B 72 4.95 4.02 18.37
CA SER B 72 5.30 4.24 16.96
C SER B 72 4.24 3.78 15.96
N SER B 73 3.62 2.63 16.20
CA SER B 73 2.62 2.15 15.25
C SER B 73 1.45 3.13 15.13
N VAL B 74 0.96 3.64 16.25
CA VAL B 74 -0.13 4.60 16.22
C VAL B 74 0.30 5.92 15.58
N THR B 75 1.48 6.41 15.96
CA THR B 75 1.98 7.65 15.38
C THR B 75 2.20 7.51 13.88
N LEU B 76 2.79 6.41 13.46
CA LEU B 76 3.06 6.18 12.04
C LEU B 76 1.74 6.18 11.26
N GLY B 77 0.73 5.55 11.85
CA GLY B 77 -0.57 5.49 11.21
C GLY B 77 -1.15 6.87 11.04
N SER B 78 -1.12 7.68 12.09
CA SER B 78 -1.65 9.04 12.00
C SER B 78 -0.86 9.84 10.97
N PHE B 79 0.46 9.64 10.96
CA PHE B 79 1.32 10.36 10.03
C PHE B 79 1.00 10.00 8.57
N GLY B 80 0.76 8.71 8.32
CA GLY B 80 0.43 8.27 6.99
C GLY B 80 -0.90 8.87 6.53
N ASP B 81 -1.86 8.96 7.45
CA ASP B 81 -3.16 9.54 7.12
C ASP B 81 -3.01 11.01 6.80
N TRP B 82 -2.19 11.71 7.58
CA TRP B 82 -1.97 13.14 7.38
C TRP B 82 -1.21 13.37 6.09
N ARG B 83 -0.21 12.53 5.83
CA ARG B 83 0.58 12.65 4.62
C ARG B 83 -0.32 12.48 3.40
N LYS B 84 -1.25 11.55 3.50
CA LYS B 84 -2.17 11.28 2.40
C LYS B 84 -3.22 12.37 2.20
N VAL B 85 -3.85 12.80 3.28
CA VAL B 85 -4.90 13.81 3.20
C VAL B 85 -4.44 15.25 3.17
N VAL B 86 -3.25 15.53 3.67
CA VAL B 86 -2.75 16.89 3.68
C VAL B 86 -1.49 17.14 2.86
N LEU B 87 -0.37 16.57 3.30
CA LEU B 87 0.91 16.79 2.61
C LEU B 87 0.90 16.53 1.11
N LEU B 88 0.40 15.37 0.68
CA LEU B 88 0.38 15.03 -0.74
C LEU B 88 -0.45 16.02 -1.57
N SER B 89 -1.42 16.67 -0.93
CA SER B 89 -2.25 17.64 -1.63
C SER B 89 -1.50 18.96 -1.79
N GLN B 90 -0.48 19.18 -0.96
CA GLN B 90 0.29 20.40 -1.04
C GLN B 90 1.46 20.26 -1.99
N GLN B 91 2.13 19.10 -1.95
CA GLN B 91 3.27 18.87 -2.83
C GLN B 91 3.50 17.40 -3.09
N ALA B 92 3.65 17.03 -4.35
CA ALA B 92 3.89 15.64 -4.72
C ALA B 92 5.25 15.18 -4.20
N HIS B 93 5.33 13.92 -3.78
CA HIS B 93 6.57 13.31 -3.29
C HIS B 93 6.32 11.81 -3.19
N ASP B 94 7.38 11.01 -3.15
CA ASP B 94 7.25 9.55 -3.14
C ASP B 94 7.05 8.89 -1.79
N CYS B 95 7.61 9.50 -0.76
CA CYS B 95 7.57 8.90 0.56
C CYS B 95 7.92 10.01 1.56
N ALA B 96 7.36 9.92 2.76
CA ALA B 96 7.64 10.92 3.78
C ALA B 96 8.05 10.26 5.08
N PHE B 97 9.07 10.81 5.70
CA PHE B 97 9.54 10.30 6.99
C PHE B 97 9.37 11.35 8.06
N LEU B 98 8.85 10.93 9.21
CA LEU B 98 8.67 11.81 10.35
C LEU B 98 9.92 11.64 11.22
N ASN B 99 10.66 12.74 11.40
CA ASN B 99 11.88 12.78 12.21
C ASN B 99 11.41 13.28 13.58
N THR B 100 11.52 12.44 14.61
CA THR B 100 11.02 12.83 15.93
C THR B 100 12.01 12.66 17.09
N ALA B 101 11.85 13.49 18.12
CA ALA B 101 12.73 13.41 19.29
C ALA B 101 12.09 12.58 20.40
N THR B 102 10.83 12.19 20.20
CA THR B 102 10.06 11.43 21.17
C THR B 102 10.57 10.00 21.40
N ALA B 103 10.77 9.63 22.67
CA ALA B 103 11.22 8.27 22.97
C ALA B 103 10.03 7.34 22.71
N LEU B 104 10.28 6.19 22.08
CA LEU B 104 9.21 5.25 21.76
C LEU B 104 8.99 4.29 22.93
N ASP B 105 7.73 3.94 23.20
CA ASP B 105 7.42 3.08 24.34
C ASP B 105 8.11 1.73 24.26
N ASP B 106 8.59 1.46 23.06
CA ASP B 106 9.30 0.27 22.62
C ASP B 106 10.79 0.31 22.88
N SER B 107 11.31 1.53 23.03
CA SER B 107 12.73 1.74 23.17
C SER B 107 13.32 1.46 21.79
N THR B 108 12.44 1.38 20.78
CA THR B 108 12.89 1.17 19.40
C THR B 108 13.22 2.57 18.89
N ILE B 109 13.79 2.65 17.69
CA ILE B 109 14.18 3.96 17.16
C ILE B 109 13.65 4.28 15.77
N GLY B 110 12.70 3.50 15.29
CA GLY B 110 12.14 3.75 13.97
C GLY B 110 11.07 2.76 13.61
N LEU B 111 10.35 3.03 12.52
CA LEU B 111 9.29 2.14 12.05
C LEU B 111 8.91 2.57 10.63
N ALA B 112 8.51 1.60 9.81
CA ALA B 112 8.13 1.90 8.45
C ALA B 112 7.24 0.79 7.92
N TYR B 113 6.48 1.07 6.87
CA TYR B 113 5.61 0.06 6.30
C TYR B 113 6.41 -0.70 5.24
N SER B 114 6.53 -2.01 5.42
CA SER B 114 7.28 -2.81 4.46
C SER B 114 6.54 -2.80 3.14
N ASN B 115 7.29 -2.57 2.06
CA ASN B 115 6.75 -2.51 0.70
C ASN B 115 5.72 -1.40 0.52
N GLY B 116 5.81 -0.37 1.34
CA GLY B 116 4.85 0.72 1.24
C GLY B 116 5.21 1.81 0.24
N MET B 117 6.41 1.76 -0.33
CA MET B 117 6.84 2.80 -1.27
C MET B 117 5.81 3.20 -2.32
N CYS B 118 5.53 4.50 -2.37
CA CYS B 118 4.58 5.14 -3.30
C CYS B 118 3.10 5.10 -2.91
N ASP B 119 2.72 4.22 -2.00
CA ASP B 119 1.32 4.16 -1.60
C ASP B 119 0.94 5.48 -0.92
N PRO B 120 -0.25 6.02 -1.20
CA PRO B 120 -0.66 7.29 -0.57
C PRO B 120 -0.59 7.29 0.95
N LYS B 121 -0.96 6.16 1.56
CA LYS B 121 -0.95 6.07 3.02
C LYS B 121 0.25 5.33 3.60
N PHE B 122 0.68 4.25 2.98
CA PHE B 122 1.79 3.48 3.55
C PHE B 122 3.21 3.83 3.13
N SER B 123 3.37 4.87 2.32
CA SER B 123 4.71 5.28 1.93
C SER B 123 5.22 6.29 2.94
N VAL B 124 5.37 5.84 4.18
CA VAL B 124 5.88 6.67 5.25
C VAL B 124 6.76 5.88 6.19
N GLY B 125 7.57 6.62 6.94
CA GLY B 125 8.45 6.01 7.90
C GLY B 125 8.57 6.98 9.08
N LEU B 126 9.09 6.45 10.20
CA LEU B 126 9.27 7.22 11.41
C LEU B 126 10.71 6.95 11.85
N VAL B 127 11.44 8.02 12.15
CA VAL B 127 12.83 7.90 12.57
C VAL B 127 13.04 8.71 13.84
N GLN B 128 13.56 8.07 14.88
CA GLN B 128 13.82 8.75 16.13
C GLN B 128 15.23 9.31 16.05
N ASP B 129 15.39 10.57 16.47
CA ASP B 129 16.67 11.28 16.48
C ASP B 129 17.39 10.73 17.71
N HIS B 130 17.82 9.48 17.60
CA HIS B 130 18.44 8.76 18.71
C HIS B 130 19.89 9.02 19.09
N SER B 131 20.58 9.86 18.34
CA SER B 131 21.99 10.09 18.63
C SER B 131 22.47 11.44 18.14
N SER B 132 23.48 11.97 18.80
CA SER B 132 24.06 13.25 18.41
C SER B 132 24.84 13.00 17.13
N ASN B 133 25.17 11.74 16.88
CA ASN B 133 25.91 11.38 15.67
C ASN B 133 24.89 11.29 14.52
N VAL B 134 24.89 12.30 13.66
CA VAL B 134 23.95 12.36 12.56
C VAL B 134 24.08 11.20 11.57
N PHE B 135 25.28 10.62 11.45
CA PHE B 135 25.44 9.49 10.54
C PHE B 135 24.66 8.30 11.08
N MET B 136 24.64 8.15 12.39
CA MET B 136 23.91 7.04 13.01
C MET B 136 22.42 7.19 12.79
N VAL B 137 21.91 8.41 12.94
CA VAL B 137 20.48 8.63 12.72
C VAL B 137 20.19 8.41 11.22
N ALA B 138 21.13 8.75 10.36
CA ALA B 138 20.96 8.57 8.92
C ALA B 138 20.87 7.09 8.58
N VAL B 139 21.67 6.27 9.27
CA VAL B 139 21.63 4.84 9.02
C VAL B 139 20.22 4.30 9.34
N THR B 140 19.61 4.85 10.39
CA THR B 140 18.27 4.44 10.77
C THR B 140 17.26 4.86 9.71
N MET B 141 17.40 6.08 9.18
CA MET B 141 16.47 6.53 8.15
C MET B 141 16.66 5.65 6.91
N THR B 142 17.91 5.34 6.60
CA THR B 142 18.20 4.49 5.44
C THR B 142 17.58 3.11 5.66
N HIS B 143 17.67 2.61 6.89
CA HIS B 143 17.10 1.33 7.28
C HIS B 143 15.58 1.34 7.08
N GLU B 144 14.91 2.35 7.60
CA GLU B 144 13.45 2.41 7.47
C GLU B 144 13.04 2.54 6.01
N LEU B 145 13.80 3.34 5.25
CA LEU B 145 13.51 3.46 3.82
C LEU B 145 13.68 2.10 3.18
N GLY B 146 14.64 1.33 3.70
CA GLY B 146 14.89 -0.01 3.19
C GLY B 146 13.65 -0.89 3.30
N HIS B 147 12.94 -0.78 4.42
CA HIS B 147 11.71 -1.56 4.60
C HIS B 147 10.67 -1.06 3.60
N ASN B 148 10.60 0.25 3.42
CA ASN B 148 9.65 0.84 2.48
C ASN B 148 9.94 0.24 1.11
N LEU B 149 11.21 -0.05 0.87
CA LEU B 149 11.67 -0.61 -0.40
C LEU B 149 11.74 -2.15 -0.47
N GLY B 150 10.98 -2.82 0.40
CA GLY B 150 10.94 -4.27 0.37
C GLY B 150 12.03 -5.07 1.07
N MET B 151 12.97 -4.39 1.71
CA MET B 151 14.05 -5.08 2.39
C MET B 151 13.68 -5.61 3.77
N ALA B 152 14.15 -6.81 4.07
CA ALA B 152 13.90 -7.47 5.35
C ALA B 152 15.17 -7.38 6.19
N HIS B 153 15.07 -7.78 7.45
CA HIS B 153 16.21 -7.74 8.36
C HIS B 153 17.25 -8.81 8.03
N ASP B 154 18.52 -8.48 8.26
CA ASP B 154 19.59 -9.43 8.02
C ASP B 154 19.55 -10.46 9.16
N GLU B 155 18.83 -11.55 8.95
CA GLU B 155 18.69 -12.58 9.97
C GLU B 155 18.39 -13.99 9.44
N ALA B 156 17.98 -14.86 10.36
CA ALA B 156 17.64 -16.27 10.10
C ALA B 156 17.27 -16.71 8.68
N GLY B 157 18.27 -17.10 7.90
CA GLY B 157 18.03 -17.54 6.54
C GLY B 157 19.24 -17.39 5.65
N GLY B 158 20.43 -17.44 6.25
CA GLY B 158 21.65 -17.30 5.46
C GLY B 158 22.11 -15.86 5.47
N CYS B 159 21.41 -15.02 6.22
CA CYS B 159 21.74 -13.60 6.33
C CYS B 159 22.12 -13.34 7.78
N ALA B 160 23.04 -12.41 8.01
CA ALA B 160 23.46 -12.09 9.36
C ALA B 160 24.02 -10.68 9.49
N CYS B 161 25.09 -10.41 8.73
CA CYS B 161 25.77 -9.12 8.72
C CYS B 161 25.16 -8.11 9.69
N SER B 162 25.73 -8.08 10.90
CA SER B 162 25.27 -7.18 11.95
C SER B 162 25.72 -5.73 11.79
N SER B 163 26.57 -5.48 10.80
CA SER B 163 27.03 -4.11 10.56
C SER B 163 26.36 -3.55 9.31
N CYS B 164 25.60 -4.38 8.60
CA CYS B 164 24.93 -3.93 7.40
C CYS B 164 23.73 -3.07 7.75
N ILE B 165 23.30 -2.24 6.81
CA ILE B 165 22.19 -1.34 7.04
C ILE B 165 20.93 -1.99 7.58
N MET B 166 20.51 -3.11 7.00
CA MET B 166 19.29 -3.78 7.45
C MET B 166 19.47 -4.70 8.65
N SER B 167 20.54 -4.49 9.42
CA SER B 167 20.77 -5.30 10.61
C SER B 167 19.63 -4.97 11.56
N PRO B 168 19.04 -5.99 12.22
CA PRO B 168 17.94 -5.74 13.15
C PRO B 168 18.33 -4.89 14.37
N ALA B 169 19.61 -4.89 14.71
CA ALA B 169 20.08 -4.12 15.85
C ALA B 169 21.07 -3.04 15.41
N ALA B 170 21.03 -1.91 16.09
CA ALA B 170 21.92 -0.80 15.77
C ALA B 170 23.33 -1.06 16.31
N SER B 171 24.27 -1.33 15.42
CA SER B 171 25.65 -1.60 15.82
C SER B 171 26.39 -0.32 16.18
N SER B 172 27.45 -0.46 16.95
CA SER B 172 28.26 0.70 17.36
C SER B 172 29.16 1.13 16.21
N GLY B 173 29.35 0.23 15.25
CA GLY B 173 30.18 0.52 14.08
C GLY B 173 29.42 0.20 12.81
N PRO B 174 28.27 0.85 12.57
CA PRO B 174 27.49 0.58 11.37
C PRO B 174 28.23 0.94 10.08
N SER B 175 28.17 0.05 9.10
CA SER B 175 28.82 0.34 7.82
C SER B 175 27.79 1.04 6.94
N LYS B 176 28.16 1.27 5.69
CA LYS B 176 27.25 1.95 4.77
C LYS B 176 26.75 0.97 3.72
N LEU B 177 26.98 -0.32 3.96
CA LEU B 177 26.60 -1.33 3.01
C LEU B 177 25.32 -2.11 3.23
N PHE B 178 24.66 -2.44 2.13
CA PHE B 178 23.46 -3.27 2.16
C PHE B 178 24.00 -4.67 1.95
N SER B 179 23.45 -5.65 2.66
CA SER B 179 23.90 -7.03 2.53
C SER B 179 23.41 -7.63 1.22
N ASP B 180 23.98 -8.76 0.82
CA ASP B 180 23.55 -9.41 -0.42
C ASP B 180 22.08 -9.79 -0.30
N CYS B 181 21.66 -10.17 0.91
CA CYS B 181 20.27 -10.54 1.15
C CYS B 181 19.36 -9.35 0.88
N SER B 182 19.77 -8.18 1.36
CA SER B 182 19.00 -6.95 1.17
C SER B 182 18.89 -6.59 -0.30
N LYS B 183 20.00 -6.70 -1.03
CA LYS B 183 19.99 -6.38 -2.45
C LYS B 183 19.09 -7.37 -3.20
N ASP B 184 19.07 -8.61 -2.72
CA ASP B 184 18.23 -9.64 -3.32
C ASP B 184 16.78 -9.26 -3.10
N ASP B 185 16.46 -8.80 -1.89
CA ASP B 185 15.10 -8.39 -1.56
C ASP B 185 14.70 -7.19 -2.41
N TYR B 186 15.65 -6.29 -2.63
CA TYR B 186 15.36 -5.11 -3.41
C TYR B 186 15.05 -5.51 -4.85
N GLN B 187 15.79 -6.49 -5.38
CA GLN B 187 15.55 -6.94 -6.75
C GLN B 187 14.15 -7.53 -6.88
N THR B 188 13.74 -8.32 -5.89
CA THR B 188 12.41 -8.91 -5.91
C THR B 188 11.36 -7.80 -5.85
N PHE B 189 11.65 -6.79 -5.04
CA PHE B 189 10.78 -5.64 -4.88
C PHE B 189 10.56 -4.98 -6.24
N LEU B 190 11.65 -4.70 -6.95
CA LEU B 190 11.54 -4.05 -8.25
C LEU B 190 10.70 -4.84 -9.23
N THR B 191 10.77 -6.16 -9.15
CA THR B 191 10.01 -7.00 -10.06
C THR B 191 8.58 -7.28 -9.62
N ASN B 192 8.42 -7.74 -8.38
CA ASN B 192 7.11 -8.11 -7.85
C ASN B 192 6.24 -7.01 -7.27
N THR B 193 6.85 -5.89 -6.87
CA THR B 193 6.07 -4.76 -6.34
C THR B 193 6.03 -3.74 -7.47
N ASN B 194 7.20 -3.41 -8.01
CA ASN B 194 7.30 -2.49 -9.14
C ASN B 194 6.46 -1.21 -8.95
N PRO B 195 6.76 -0.45 -7.89
CA PRO B 195 6.04 0.80 -7.61
C PRO B 195 6.33 1.80 -8.72
N GLN B 196 5.33 2.56 -9.13
CA GLN B 196 5.48 3.50 -10.23
C GLN B 196 6.15 4.84 -9.95
N CYS B 197 5.87 5.44 -8.80
CA CYS B 197 6.43 6.76 -8.53
C CYS B 197 7.96 6.86 -8.55
N ILE B 198 8.66 5.82 -8.13
CA ILE B 198 10.13 5.87 -8.12
C ILE B 198 10.77 5.75 -9.49
N LEU B 199 9.97 5.67 -10.55
CA LEU B 199 10.49 5.60 -11.91
C LEU B 199 10.72 7.01 -12.45
N ASN B 200 10.11 7.99 -11.77
CA ASN B 200 10.17 9.38 -12.21
C ASN B 200 11.21 10.27 -11.55
N ALA B 201 12.07 10.88 -12.37
CA ALA B 201 13.10 11.78 -11.85
C ALA B 201 12.42 13.06 -11.35
N PRO B 202 13.04 13.72 -10.35
CA PRO B 202 12.44 14.96 -9.82
C PRO B 202 12.56 16.16 -10.76
ZN ZN C . -22.39 -12.59 -10.12
ZN ZN D . 3.56 -2.27 -22.10
ZN ZN E . -4.61 -1.53 14.53
ZN ZN F . -13.18 -20.02 -21.52
ZN ZN G . 13.99 -2.83 10.68
ZN ZN H . 2.79 0.87 22.36
#